data_9GMP
#
_entry.id   9GMP
#
_cell.length_a   44.092
_cell.length_b   74.565
_cell.length_c   77.734
_cell.angle_alpha   90.00
_cell.angle_beta   90.00
_cell.angle_gamma   90.00
#
_symmetry.space_group_name_H-M   'P 2 21 21'
#
loop_
_entity.id
_entity.type
_entity.pdbx_description
1 polymer 'Uncharacterized protein (Map kinase kinase-like protein)'
2 non-polymer DI(HYDROXYETHYL)ETHER
3 non-polymer GLYCEROL
4 water water
#
_entity_poly.entity_id   1
_entity_poly.type   'polypeptide(L)'
_entity_poly.pdbx_seq_one_letter_code
;GPLGSSFSDFQVLSTLSSTVNSKVYHALRRGEHVAVKEISIDDDAARRRFQREVNIVSTCNHPNIIRIKGVFFDGPFAYI
LLPYYHRGSLRALLSKQEPMSWVAVQDMLRQLASGVAYLHEHGIVHGDLKPSNVLIADDGRPVISDFGIAKDHGALGVAD
MTLTTTVTSTSNGPSSIVGTVQYMAPEQLLCETGSHKTKSTGMSDMWALGFTMLEVALENAFFHDGSLGKPCLPLLLPEQ
KRIDVPAKAVGGDEKLAEAIASVLVADPGNRATAYDLLAHPYFSS
;
_entity_poly.pdbx_strand_id   A
#
# COMPACT_ATOMS: atom_id res chain seq x y z
N PHE A 10 -18.39 21.02 6.12
CA PHE A 10 -18.11 20.36 4.85
C PHE A 10 -19.38 19.80 4.22
N GLN A 11 -19.39 19.68 2.89
CA GLN A 11 -20.55 19.22 2.13
C GLN A 11 -20.30 17.81 1.64
N VAL A 12 -21.17 16.88 2.01
CA VAL A 12 -20.98 15.47 1.71
C VAL A 12 -21.45 15.18 0.29
N LEU A 13 -20.60 14.51 -0.48
CA LEU A 13 -20.92 14.10 -1.84
C LEU A 13 -21.46 12.68 -1.86
N SER A 14 -20.70 11.75 -1.28
CA SER A 14 -21.07 10.34 -1.33
C SER A 14 -20.47 9.62 -0.13
N THR A 15 -20.95 8.40 0.10
CA THR A 15 -20.39 7.49 1.09
C THR A 15 -19.41 6.56 0.38
N LEU A 16 -18.13 6.67 0.74
CA LEU A 16 -17.10 5.85 0.12
C LEU A 16 -17.02 4.47 0.76
N SER A 17 -17.38 4.34 2.03
CA SER A 17 -17.48 3.02 2.64
C SER A 17 -18.30 3.13 3.91
N SER A 18 -18.81 1.98 4.33
CA SER A 18 -19.68 1.88 5.49
C SER A 18 -19.40 0.55 6.17
N THR A 19 -19.07 0.58 7.45
CA THR A 19 -19.04 -0.59 8.30
C THR A 19 -19.98 -0.33 9.47
N VAL A 20 -20.04 -1.28 10.40
CA VAL A 20 -20.57 -0.95 11.71
C VAL A 20 -19.58 0.01 12.37
N ASN A 21 -20.12 0.99 13.09
CA ASN A 21 -19.33 1.95 13.88
C ASN A 21 -18.29 2.69 13.04
N SER A 22 -18.55 2.86 11.74
CA SER A 22 -17.64 3.63 10.90
C SER A 22 -18.31 3.95 9.57
N LYS A 23 -18.10 5.19 9.11
CA LYS A 23 -18.45 5.63 7.78
C LYS A 23 -17.32 6.48 7.25
N VAL A 24 -17.05 6.38 5.95
CA VAL A 24 -16.12 7.26 5.26
C VAL A 24 -16.88 7.98 4.15
N TYR A 25 -16.80 9.30 4.15
CA TYR A 25 -17.54 10.13 3.21
C TYR A 25 -16.59 10.84 2.27
N HIS A 26 -17.03 11.03 1.03
CA HIS A 26 -16.39 11.95 0.12
C HIS A 26 -17.06 13.30 0.31
N ALA A 27 -16.28 14.32 0.65
CA ALA A 27 -16.84 15.62 1.00
C ALA A 27 -16.08 16.71 0.26
N LEU A 28 -16.69 17.90 0.25
CA LEU A 28 -16.07 19.12 -0.28
C LEU A 28 -15.99 20.13 0.86
N ARG A 29 -14.84 20.18 1.53
CA ARG A 29 -14.60 21.12 2.62
C ARG A 29 -13.95 22.37 2.03
N ARG A 30 -14.79 23.34 1.67
CA ARG A 30 -14.35 24.65 1.17
C ARG A 30 -13.50 24.49 -0.09
N GLY A 31 -14.19 24.19 -1.18
CA GLY A 31 -13.58 24.10 -2.50
C GLY A 31 -12.64 22.93 -2.71
N GLU A 32 -12.33 22.17 -1.67
CA GLU A 32 -11.35 21.11 -1.71
C GLU A 32 -12.03 19.79 -1.42
N HIS A 33 -11.58 18.74 -2.09
CA HIS A 33 -12.12 17.40 -1.89
C HIS A 33 -11.37 16.72 -0.75
N VAL A 34 -12.11 16.07 0.14
CA VAL A 34 -11.53 15.40 1.30
C VAL A 34 -12.31 14.13 1.57
N ALA A 35 -11.64 13.18 2.20
CA ALA A 35 -12.28 12.00 2.76
C ALA A 35 -12.48 12.25 4.25
N VAL A 36 -13.66 11.92 4.75
CA VAL A 36 -14.00 12.16 6.16
C VAL A 36 -14.49 10.85 6.77
N LYS A 37 -13.76 10.36 7.76
CA LYS A 37 -14.17 9.18 8.52
C LYS A 37 -14.91 9.64 9.77
N GLU A 38 -16.07 9.04 10.01
CA GLU A 38 -16.91 9.34 11.15
C GLU A 38 -17.02 8.10 12.02
N ILE A 39 -16.78 8.27 13.33
CA ILE A 39 -16.91 7.20 14.30
C ILE A 39 -17.52 7.77 15.58
N SER A 40 -18.10 6.88 16.38
CA SER A 40 -18.59 7.23 17.71
C SER A 40 -17.57 6.83 18.75
N ILE A 41 -17.28 7.74 19.69
CA ILE A 41 -16.30 7.50 20.74
C ILE A 41 -16.90 7.80 22.12
N ASP A 42 -18.20 7.56 22.26
CA ASP A 42 -18.86 7.73 23.54
C ASP A 42 -18.31 6.77 24.59
N ASP A 43 -18.01 5.55 24.19
CA ASP A 43 -17.53 4.49 25.06
C ASP A 43 -16.01 4.54 25.23
N ASP A 44 -15.56 4.36 26.48
CA ASP A 44 -14.12 4.46 26.78
C ASP A 44 -13.29 3.50 25.92
N ALA A 45 -13.78 2.27 25.74
CA ALA A 45 -13.05 1.31 24.91
C ALA A 45 -12.89 1.82 23.48
N ALA A 46 -13.97 2.38 22.93
CA ALA A 46 -13.90 2.95 21.58
C ALA A 46 -12.95 4.15 21.54
N ARG A 47 -12.99 4.98 22.58
N ARG A 47 -12.98 4.98 22.58
CA ARG A 47 -12.12 6.16 22.59
CA ARG A 47 -12.14 6.18 22.62
C ARG A 47 -10.66 5.78 22.60
C ARG A 47 -10.67 5.79 22.61
N ARG A 48 -10.29 4.77 23.38
CA ARG A 48 -8.90 4.35 23.43
C ARG A 48 -8.45 3.72 22.12
N ARG A 49 -9.33 2.93 21.48
CA ARG A 49 -9.02 2.37 20.17
C ARG A 49 -8.80 3.47 19.14
N PHE A 50 -9.67 4.49 19.17
CA PHE A 50 -9.54 5.65 18.29
C PHE A 50 -8.18 6.33 18.49
N GLN A 51 -7.78 6.55 19.74
CA GLN A 51 -6.50 7.21 20.00
C GLN A 51 -5.35 6.40 19.43
N ARG A 52 -5.34 5.09 19.67
CA ARG A 52 -4.27 4.25 19.12
C ARG A 52 -4.23 4.32 17.60
N GLU A 53 -5.40 4.24 16.96
CA GLU A 53 -5.43 4.19 15.49
C GLU A 53 -5.03 5.52 14.88
N VAL A 54 -5.45 6.64 15.47
CA VAL A 54 -5.02 7.95 14.99
C VAL A 54 -3.52 8.12 15.17
N ASN A 55 -2.99 7.69 16.32
CA ASN A 55 -1.57 7.87 16.60
C ASN A 55 -0.67 7.05 15.70
N ILE A 56 -1.14 5.87 15.27
CA ILE A 56 -0.35 5.10 14.30
C ILE A 56 -0.06 5.95 13.07
N VAL A 57 -1.08 6.67 12.59
CA VAL A 57 -0.90 7.46 11.37
C VAL A 57 -0.21 8.78 11.68
N SER A 58 -0.64 9.47 12.73
CA SER A 58 -0.07 10.78 13.01
C SER A 58 1.38 10.69 13.46
N THR A 59 1.83 9.50 13.88
CA THR A 59 3.25 9.27 14.15
C THR A 59 4.11 9.55 12.93
N CYS A 60 3.56 9.33 11.74
CA CYS A 60 4.34 9.35 10.52
C CYS A 60 4.41 10.74 9.91
N ASN A 61 5.60 11.07 9.41
CA ASN A 61 5.90 12.34 8.75
C ASN A 61 6.75 11.97 7.54
N HIS A 62 6.07 11.46 6.48
CA HIS A 62 6.76 10.96 5.30
C HIS A 62 5.89 11.24 4.08
N PRO A 63 6.46 11.72 2.97
CA PRO A 63 5.62 12.08 1.82
C PRO A 63 4.86 10.93 1.20
N ASN A 64 5.30 9.69 1.42
CA ASN A 64 4.66 8.52 0.82
C ASN A 64 3.78 7.76 1.80
N ILE A 65 3.41 8.40 2.91
CA ILE A 65 2.50 7.83 3.89
C ILE A 65 1.35 8.81 4.11
N ILE A 66 0.12 8.29 4.07
CA ILE A 66 -1.07 9.13 4.17
C ILE A 66 -0.97 10.03 5.40
N ARG A 67 -1.43 11.27 5.24
CA ARG A 67 -1.38 12.28 6.28
C ARG A 67 -2.79 12.63 6.73
N ILE A 68 -2.96 12.79 8.02
CA ILE A 68 -4.20 13.33 8.57
C ILE A 68 -4.21 14.84 8.41
N LYS A 69 -5.32 15.39 7.92
CA LYS A 69 -5.48 16.83 7.83
C LYS A 69 -6.03 17.43 9.12
N GLY A 70 -6.90 16.70 9.82
CA GLY A 70 -7.43 17.19 11.05
C GLY A 70 -8.34 16.16 11.65
N VAL A 71 -8.66 16.39 12.92
CA VAL A 71 -9.65 15.64 13.68
C VAL A 71 -10.54 16.64 14.39
N PHE A 72 -11.84 16.44 14.35
CA PHE A 72 -12.69 17.31 15.14
C PHE A 72 -13.90 16.53 15.63
N PHE A 73 -14.46 17.03 16.72
CA PHE A 73 -15.42 16.33 17.55
C PHE A 73 -16.74 17.08 17.55
N ASP A 74 -17.84 16.34 17.58
CA ASP A 74 -19.18 16.90 17.69
C ASP A 74 -19.96 15.95 18.58
N GLY A 75 -20.18 16.35 19.82
CA GLY A 75 -20.78 15.45 20.78
C GLY A 75 -19.97 14.19 20.88
N PRO A 76 -20.61 13.02 20.74
CA PRO A 76 -19.86 11.76 20.85
C PRO A 76 -19.15 11.33 19.58
N PHE A 77 -19.21 12.10 18.51
CA PHE A 77 -18.67 11.68 17.21
C PHE A 77 -17.33 12.35 16.94
N ALA A 78 -16.44 11.60 16.32
CA ALA A 78 -15.14 12.08 15.88
C ALA A 78 -15.09 12.03 14.37
N TYR A 79 -14.49 13.06 13.78
CA TYR A 79 -14.37 13.19 12.32
C TYR A 79 -12.90 13.34 11.99
N ILE A 80 -12.38 12.41 11.20
CA ILE A 80 -10.98 12.42 10.79
C ILE A 80 -10.91 12.80 9.31
N LEU A 81 -10.24 13.91 9.03
CA LEU A 81 -10.11 14.42 7.67
C LEU A 81 -8.88 13.84 7.02
N LEU A 82 -9.05 13.26 5.85
CA LEU A 82 -7.98 12.62 5.10
C LEU A 82 -7.97 13.16 3.68
N PRO A 83 -6.85 13.07 2.97
CA PRO A 83 -6.82 13.53 1.58
C PRO A 83 -7.73 12.69 0.73
N TYR A 84 -8.29 13.33 -0.31
CA TYR A 84 -9.01 12.63 -1.35
C TYR A 84 -8.21 12.76 -2.64
N TYR A 85 -7.77 11.62 -3.18
CA TYR A 85 -6.86 11.60 -4.31
C TYR A 85 -7.63 11.27 -5.57
N HIS A 86 -7.78 12.26 -6.46
CA HIS A 86 -8.58 12.08 -7.66
C HIS A 86 -7.98 11.04 -8.59
N ARG A 87 -6.66 10.88 -8.59
CA ARG A 87 -6.02 9.91 -9.48
C ARG A 87 -6.20 8.48 -9.02
N GLY A 88 -6.74 8.26 -7.82
CA GLY A 88 -7.08 6.92 -7.40
C GLY A 88 -5.88 6.13 -6.91
N SER A 89 -5.96 4.82 -7.10
CA SER A 89 -4.95 3.91 -6.57
C SER A 89 -4.09 3.35 -7.69
N LEU A 90 -3.03 2.65 -7.28
CA LEU A 90 -2.21 1.91 -8.21
C LEU A 90 -3.02 0.82 -8.91
N ARG A 91 -3.99 0.22 -8.21
CA ARG A 91 -4.90 -0.71 -8.86
C ARG A 91 -5.64 -0.05 -10.02
N ALA A 92 -6.21 1.14 -9.79
CA ALA A 92 -6.92 1.84 -10.86
C ALA A 92 -6.00 2.13 -12.03
N LEU A 93 -4.75 2.49 -11.74
CA LEU A 93 -3.79 2.76 -12.81
C LEU A 93 -3.52 1.51 -13.64
N LEU A 94 -3.31 0.37 -12.98
CA LEU A 94 -3.11 -0.88 -13.70
C LEU A 94 -4.32 -1.24 -14.54
N SER A 95 -5.53 -0.94 -14.05
CA SER A 95 -6.73 -1.28 -14.79
C SER A 95 -6.89 -0.45 -16.05
N LYS A 96 -6.24 0.71 -16.14
CA LYS A 96 -6.25 1.47 -17.39
C LYS A 96 -5.51 0.75 -18.51
N GLN A 97 -4.57 -0.14 -18.17
CA GLN A 97 -3.86 -0.95 -19.16
C GLN A 97 -3.10 -0.07 -20.16
N GLU A 98 -2.59 1.06 -19.68
CA GLU A 98 -1.76 1.94 -20.49
C GLU A 98 -0.29 1.79 -20.09
N PRO A 99 0.61 1.71 -21.06
CA PRO A 99 2.03 1.59 -20.71
C PRO A 99 2.49 2.74 -19.83
N MET A 100 3.34 2.41 -18.87
CA MET A 100 3.94 3.37 -17.97
C MET A 100 5.45 3.40 -18.21
N SER A 101 6.04 4.58 -18.09
CA SER A 101 7.48 4.69 -18.25
C SER A 101 8.20 3.81 -17.24
N TRP A 102 9.18 3.03 -17.71
CA TRP A 102 9.95 2.20 -16.79
C TRP A 102 10.79 3.04 -15.83
N VAL A 103 11.14 4.27 -16.20
CA VAL A 103 11.85 5.12 -15.26
C VAL A 103 10.92 5.59 -14.15
N ALA A 104 9.69 5.97 -14.52
CA ALA A 104 8.70 6.37 -13.52
C ALA A 104 8.32 5.20 -12.62
N VAL A 105 8.23 4.00 -13.18
CA VAL A 105 7.93 2.83 -12.36
C VAL A 105 9.00 2.65 -11.30
N GLN A 106 10.28 2.72 -11.71
N GLN A 106 10.27 2.75 -11.71
CA GLN A 106 11.37 2.60 -10.74
CA GLN A 106 11.37 2.61 -10.75
C GLN A 106 11.25 3.67 -9.66
C GLN A 106 11.29 3.67 -9.67
N ASP A 107 10.92 4.90 -10.04
CA ASP A 107 10.83 5.98 -9.07
C ASP A 107 9.63 5.78 -8.13
N MET A 108 8.51 5.32 -8.69
CA MET A 108 7.34 5.01 -7.86
C MET A 108 7.64 3.88 -6.89
N LEU A 109 8.23 2.79 -7.38
CA LEU A 109 8.51 1.66 -6.50
C LEU A 109 9.55 2.00 -5.45
N ARG A 110 10.53 2.84 -5.78
CA ARG A 110 11.47 3.25 -4.75
C ARG A 110 10.80 4.05 -3.65
N GLN A 111 9.89 4.95 -4.02
CA GLN A 111 9.20 5.75 -3.01
C GLN A 111 8.31 4.85 -2.15
N LEU A 112 7.67 3.87 -2.77
CA LEU A 112 6.86 2.93 -2.01
C LEU A 112 7.71 2.12 -1.03
N ALA A 113 8.84 1.59 -1.49
CA ALA A 113 9.73 0.87 -0.59
C ALA A 113 10.25 1.80 0.50
N SER A 114 10.50 3.07 0.18
CA SER A 114 10.96 4.01 1.18
C SER A 114 9.89 4.24 2.26
N GLY A 115 8.63 4.30 1.85
CA GLY A 115 7.55 4.42 2.81
C GLY A 115 7.47 3.21 3.73
N VAL A 116 7.56 2.01 3.17
CA VAL A 116 7.51 0.80 3.99
C VAL A 116 8.67 0.79 4.97
N ALA A 117 9.87 1.13 4.50
CA ALA A 117 11.02 1.20 5.39
C ALA A 117 10.76 2.14 6.56
N TYR A 118 10.16 3.30 6.26
CA TYR A 118 9.84 4.27 7.30
C TYR A 118 8.86 3.69 8.32
N LEU A 119 7.79 3.05 7.84
CA LEU A 119 6.86 2.41 8.76
C LEU A 119 7.57 1.44 9.69
N HIS A 120 8.38 0.55 9.12
CA HIS A 120 9.05 -0.46 9.91
C HIS A 120 10.04 0.15 10.89
N GLU A 121 10.70 1.24 10.48
CA GLU A 121 11.63 1.93 11.35
C GLU A 121 10.92 2.58 12.53
N HIS A 122 9.65 2.92 12.39
CA HIS A 122 8.85 3.48 13.48
C HIS A 122 7.99 2.41 14.15
N GLY A 123 8.30 1.13 13.93
CA GLY A 123 7.61 0.06 14.61
C GLY A 123 6.22 -0.24 14.14
N ILE A 124 5.85 0.18 12.93
CA ILE A 124 4.51 0.00 12.39
C ILE A 124 4.56 -1.09 11.33
N VAL A 125 3.76 -2.13 11.54
CA VAL A 125 3.48 -3.13 10.52
C VAL A 125 2.19 -2.73 9.81
N HIS A 126 2.22 -2.67 8.48
CA HIS A 126 1.03 -2.22 7.75
C HIS A 126 -0.03 -3.31 7.72
N GLY A 127 0.32 -4.51 7.28
CA GLY A 127 -0.55 -5.66 7.36
C GLY A 127 -1.37 -5.97 6.12
N ASP A 128 -1.47 -5.04 5.17
CA ASP A 128 -2.33 -5.25 4.01
C ASP A 128 -1.86 -4.40 2.83
N LEU A 129 -0.56 -4.45 2.54
CA LEU A 129 -0.03 -3.73 1.37
C LEU A 129 -0.51 -4.40 0.09
N LYS A 130 -1.07 -3.59 -0.81
CA LYS A 130 -1.49 -4.08 -2.11
C LYS A 130 -1.76 -2.88 -3.01
N PRO A 131 -1.88 -3.08 -4.32
CA PRO A 131 -2.10 -1.93 -5.22
C PRO A 131 -3.28 -1.06 -4.85
N SER A 132 -4.36 -1.66 -4.32
CA SER A 132 -5.54 -0.88 -3.98
C SER A 132 -5.28 0.10 -2.84
N ASN A 133 -4.28 -0.16 -2.02
CA ASN A 133 -3.97 0.65 -0.84
C ASN A 133 -2.84 1.63 -1.08
N VAL A 134 -2.32 1.68 -2.30
CA VAL A 134 -1.29 2.63 -2.69
C VAL A 134 -1.99 3.68 -3.54
N LEU A 135 -2.15 4.87 -2.98
CA LEU A 135 -2.88 5.94 -3.65
C LEU A 135 -1.89 6.78 -4.46
N ILE A 136 -2.42 7.45 -5.49
CA ILE A 136 -1.61 8.27 -6.38
C ILE A 136 -1.96 9.72 -6.13
N ALA A 137 -1.00 10.47 -5.57
CA ALA A 137 -1.21 11.88 -5.31
C ALA A 137 -1.29 12.68 -6.61
N ASP A 138 -1.76 13.92 -6.51
CA ASP A 138 -1.88 14.76 -7.70
C ASP A 138 -0.56 14.87 -8.44
N ASP A 139 0.57 15.00 -7.71
CA ASP A 139 1.86 15.07 -8.37
C ASP A 139 2.41 13.70 -8.77
N GLY A 140 1.63 12.63 -8.61
CA GLY A 140 2.01 11.32 -9.10
C GLY A 140 2.76 10.42 -8.14
N ARG A 141 3.07 10.90 -6.93
CA ARG A 141 3.82 10.09 -6.01
C ARG A 141 2.92 9.08 -5.30
N PRO A 142 3.44 7.90 -4.95
CA PRO A 142 2.62 6.91 -4.23
C PRO A 142 2.45 7.29 -2.77
N VAL A 143 1.27 6.98 -2.24
CA VAL A 143 0.92 7.31 -0.86
C VAL A 143 0.29 6.07 -0.24
N ILE A 144 0.96 5.50 0.75
CA ILE A 144 0.46 4.31 1.43
C ILE A 144 -0.68 4.70 2.36
N SER A 145 -1.80 3.99 2.24
CA SER A 145 -2.96 4.24 3.09
C SER A 145 -3.50 2.93 3.65
N ASP A 146 -4.70 2.96 4.22
CA ASP A 146 -5.39 1.76 4.69
C ASP A 146 -4.66 1.07 5.84
N PHE A 147 -4.17 1.87 6.80
CA PHE A 147 -3.69 1.33 8.06
C PHE A 147 -4.05 2.31 9.17
N GLY A 148 -4.06 1.82 10.41
CA GLY A 148 -4.47 2.65 11.52
C GLY A 148 -5.86 3.21 11.26
N ILE A 149 -6.04 4.50 11.59
CA ILE A 149 -7.35 5.13 11.44
C ILE A 149 -7.73 5.28 9.97
N ALA A 150 -6.75 5.22 9.06
CA ALA A 150 -7.04 5.27 7.63
C ALA A 150 -7.51 3.94 7.07
N LYS A 151 -7.67 2.91 7.91
CA LYS A 151 -8.29 1.68 7.46
C LYS A 151 -9.59 2.01 6.76
N ASP A 152 -9.75 1.49 5.54
CA ASP A 152 -10.90 1.69 4.65
C ASP A 152 -10.85 2.99 3.87
N HIS A 153 -9.75 3.77 3.92
CA HIS A 153 -9.64 4.92 3.02
C HIS A 153 -9.06 4.51 1.67
N GLY A 154 -8.09 3.60 1.67
CA GLY A 154 -7.48 3.12 0.45
C GLY A 154 -8.08 1.82 -0.05
N VAL A 181 -5.13 -15.33 -1.14
CA VAL A 181 -4.58 -14.59 -2.27
C VAL A 181 -3.06 -14.76 -2.30
N GLN A 182 -2.48 -14.63 -3.49
CA GLN A 182 -1.03 -14.69 -3.61
C GLN A 182 -0.32 -13.76 -2.63
N TYR A 183 -1.01 -12.68 -2.21
CA TYR A 183 -0.37 -11.67 -1.38
C TYR A 183 -0.15 -12.09 0.05
N MET A 184 -0.72 -13.20 0.49
CA MET A 184 -0.50 -13.67 1.85
C MET A 184 0.83 -14.40 1.95
N ALA A 185 1.64 -14.01 2.92
CA ALA A 185 2.93 -14.63 3.10
C ALA A 185 2.76 -16.09 3.51
N PRO A 186 3.67 -16.98 3.09
CA PRO A 186 3.48 -18.40 3.39
C PRO A 186 3.30 -18.68 4.88
N GLU A 187 4.07 -18.01 5.73
CA GLU A 187 3.97 -18.27 7.17
C GLU A 187 2.61 -17.84 7.74
N GLN A 188 1.89 -16.96 7.05
CA GLN A 188 0.56 -16.57 7.52
C GLN A 188 -0.46 -17.67 7.31
N LEU A 189 -0.19 -18.63 6.43
CA LEU A 189 -1.07 -19.78 6.25
C LEU A 189 -0.85 -20.87 7.29
N LEU A 190 -0.16 -20.56 8.38
CA LEU A 190 0.14 -21.53 9.42
C LEU A 190 0.58 -20.85 10.71
N LYS A 199 -0.39 -14.03 11.95
CA LYS A 199 -0.28 -12.63 12.32
C LYS A 199 0.51 -11.88 11.24
N SER A 200 0.74 -10.58 11.47
CA SER A 200 1.44 -9.73 10.51
C SER A 200 2.76 -9.26 11.10
N THR A 201 3.82 -9.30 10.30
CA THR A 201 5.15 -8.87 10.69
C THR A 201 5.72 -7.96 9.61
N GLY A 202 6.88 -7.37 9.91
CA GLY A 202 7.62 -6.67 8.88
C GLY A 202 7.94 -7.57 7.71
N MET A 203 8.19 -8.85 7.97
N MET A 203 8.22 -8.84 7.99
CA MET A 203 8.58 -9.74 6.87
CA MET A 203 8.56 -9.82 6.95
C MET A 203 7.38 -10.23 6.05
C MET A 203 7.37 -10.07 6.04
N SER A 204 6.17 -10.23 6.62
CA SER A 204 5.00 -10.48 5.80
C SER A 204 4.64 -9.25 4.99
N ASP A 205 4.93 -8.05 5.51
CA ASP A 205 4.82 -6.84 4.69
C ASP A 205 5.73 -6.90 3.47
N MET A 206 6.96 -7.38 3.64
CA MET A 206 7.89 -7.41 2.53
C MET A 206 7.43 -8.38 1.46
N TRP A 207 6.81 -9.48 1.85
CA TRP A 207 6.20 -10.38 0.87
C TRP A 207 5.10 -9.67 0.09
N ALA A 208 4.25 -8.92 0.78
CA ALA A 208 3.15 -8.24 0.11
C ALA A 208 3.68 -7.15 -0.82
N LEU A 209 4.73 -6.44 -0.39
CA LEU A 209 5.35 -5.44 -1.24
C LEU A 209 5.96 -6.08 -2.47
N GLY A 210 6.58 -7.24 -2.30
CA GLY A 210 7.12 -7.96 -3.44
C GLY A 210 6.05 -8.28 -4.48
N PHE A 211 4.89 -8.74 -4.02
CA PHE A 211 3.84 -9.05 -4.99
C PHE A 211 3.23 -7.79 -5.58
N THR A 212 3.19 -6.69 -4.81
CA THR A 212 2.79 -5.41 -5.37
C THR A 212 3.73 -5.00 -6.48
N MET A 213 5.04 -5.06 -6.22
CA MET A 213 6.03 -4.78 -7.24
C MET A 213 5.88 -5.70 -8.44
N LEU A 214 5.69 -6.99 -8.18
CA LEU A 214 5.56 -7.97 -9.26
C LEU A 214 4.33 -7.71 -10.11
N GLU A 215 3.20 -7.37 -9.50
CA GLU A 215 2.01 -7.13 -10.30
C GLU A 215 2.19 -5.91 -11.18
N VAL A 216 2.84 -4.87 -10.65
CA VAL A 216 3.10 -3.68 -11.46
C VAL A 216 4.00 -4.03 -12.64
N ALA A 217 5.04 -4.83 -12.39
CA ALA A 217 6.03 -5.13 -13.42
C ALA A 217 5.48 -6.08 -14.47
N LEU A 218 4.78 -7.14 -14.07
CA LEU A 218 4.18 -8.04 -15.03
C LEU A 218 3.17 -7.31 -15.90
N GLU A 219 2.32 -6.48 -15.30
CA GLU A 219 1.30 -5.79 -16.07
C GLU A 219 1.92 -4.78 -17.02
N ASN A 220 2.85 -3.96 -16.54
CA ASN A 220 3.49 -2.98 -17.41
C ASN A 220 4.21 -3.64 -18.58
N ALA A 221 4.95 -4.72 -18.32
CA ALA A 221 5.63 -5.43 -19.39
C ALA A 221 4.65 -5.85 -20.46
N PHE A 222 3.53 -6.44 -20.04
CA PHE A 222 2.45 -6.78 -20.97
C PHE A 222 1.94 -5.56 -21.71
N PHE A 223 1.75 -4.42 -21.01
CA PHE A 223 1.25 -3.24 -21.68
C PHE A 223 2.24 -2.75 -22.73
N HIS A 224 3.54 -2.94 -22.49
CA HIS A 224 4.56 -2.57 -23.45
C HIS A 224 4.71 -3.61 -24.57
N ASP A 225 4.53 -4.89 -24.23
CA ASP A 225 4.80 -6.00 -25.15
C ASP A 225 3.68 -7.04 -25.02
N GLY A 226 2.66 -6.89 -25.87
CA GLY A 226 1.50 -7.76 -25.81
C GLY A 226 1.78 -9.21 -26.12
N SER A 227 2.93 -9.52 -26.72
CA SER A 227 3.27 -10.91 -27.03
C SER A 227 3.79 -11.67 -25.82
N LEU A 228 3.96 -11.00 -24.67
CA LEU A 228 4.26 -11.72 -23.43
C LEU A 228 3.06 -12.50 -22.93
N GLY A 229 1.86 -12.11 -23.33
CA GLY A 229 0.65 -12.76 -22.84
C GLY A 229 0.14 -12.13 -21.57
N LYS A 230 -1.17 -12.25 -21.36
CA LYS A 230 -1.80 -11.73 -20.15
C LYS A 230 -1.15 -12.42 -18.95
N PRO A 231 -0.58 -11.68 -18.01
CA PRO A 231 0.17 -12.32 -16.92
C PRO A 231 -0.75 -12.84 -15.83
N CYS A 232 -0.30 -13.91 -15.19
CA CYS A 232 -0.92 -14.45 -13.99
C CYS A 232 0.08 -14.39 -12.86
N LEU A 233 -0.37 -13.97 -11.69
CA LEU A 233 0.52 -13.91 -10.54
C LEU A 233 0.86 -15.33 -10.09
N PRO A 234 2.12 -15.64 -9.83
CA PRO A 234 2.49 -16.99 -9.41
C PRO A 234 2.04 -17.28 -7.99
N LEU A 235 1.94 -18.55 -7.67
CA LEU A 235 1.66 -19.01 -6.32
C LEU A 235 2.82 -19.86 -5.84
N LEU A 236 3.08 -19.80 -4.54
CA LEU A 236 4.14 -20.60 -3.95
C LEU A 236 3.61 -22.01 -3.69
N LEU A 237 4.24 -23.00 -4.29
CA LEU A 237 3.82 -24.39 -4.08
C LEU A 237 4.45 -24.94 -2.82
N PRO A 238 3.82 -25.94 -2.21
CA PRO A 238 4.45 -26.61 -1.06
C PRO A 238 5.85 -27.08 -1.40
N GLU A 239 6.78 -26.87 -0.46
CA GLU A 239 8.20 -27.17 -0.66
C GLU A 239 8.75 -26.47 -1.90
N GLN A 240 8.60 -25.14 -1.89
CA GLN A 240 9.24 -24.25 -2.85
C GLN A 240 10.01 -23.21 -2.04
N LYS A 241 11.24 -22.92 -2.47
CA LYS A 241 12.10 -22.04 -1.70
C LYS A 241 11.71 -20.58 -1.87
N ARG A 242 11.31 -20.22 -3.08
CA ARG A 242 11.17 -18.83 -3.46
C ARG A 242 10.38 -18.78 -4.75
N ILE A 243 9.79 -17.61 -5.03
CA ILE A 243 9.14 -17.36 -6.31
C ILE A 243 10.21 -16.98 -7.32
N ASP A 244 10.30 -17.74 -8.40
CA ASP A 244 11.21 -17.40 -9.49
C ASP A 244 10.62 -16.28 -10.33
N VAL A 245 11.41 -15.25 -10.58
CA VAL A 245 10.98 -14.10 -11.38
C VAL A 245 11.93 -13.98 -12.58
N PRO A 246 11.53 -14.49 -13.75
CA PRO A 246 12.38 -14.36 -14.94
C PRO A 246 12.41 -12.92 -15.44
N ALA A 247 13.61 -12.44 -15.78
CA ALA A 247 13.74 -11.08 -16.29
C ALA A 247 12.82 -10.84 -17.47
N LYS A 248 12.59 -11.87 -18.28
CA LYS A 248 11.79 -11.70 -19.49
C LYS A 248 10.37 -11.28 -19.17
N ALA A 249 9.81 -11.79 -18.07
CA ALA A 249 8.42 -11.50 -17.73
C ALA A 249 8.22 -10.07 -17.22
N VAL A 250 9.25 -9.46 -16.65
CA VAL A 250 9.11 -8.11 -16.12
C VAL A 250 9.80 -7.11 -17.04
N GLY A 251 9.83 -7.43 -18.34
CA GLY A 251 10.27 -6.48 -19.34
C GLY A 251 11.74 -6.54 -19.68
N GLY A 252 12.49 -7.49 -19.12
CA GLY A 252 13.90 -7.65 -19.43
C GLY A 252 14.85 -7.05 -18.44
N ASP A 253 14.36 -6.37 -17.40
CA ASP A 253 15.21 -5.73 -16.40
C ASP A 253 15.61 -6.75 -15.35
N GLU A 254 16.85 -7.25 -15.43
CA GLU A 254 17.30 -8.27 -14.50
C GLU A 254 17.38 -7.73 -13.07
N LYS A 255 17.70 -6.45 -12.90
CA LYS A 255 17.77 -5.87 -11.57
C LYS A 255 16.39 -5.82 -10.92
N LEU A 256 15.36 -5.47 -11.70
CA LEU A 256 14.00 -5.47 -11.19
C LEU A 256 13.60 -6.87 -10.76
N ALA A 257 13.86 -7.87 -11.61
CA ALA A 257 13.53 -9.25 -11.27
C ALA A 257 14.22 -9.68 -9.98
N GLU A 258 15.50 -9.33 -9.82
CA GLU A 258 16.23 -9.72 -8.62
C GLU A 258 15.70 -9.02 -7.38
N ALA A 259 15.36 -7.73 -7.49
CA ALA A 259 14.80 -7.03 -6.34
C ALA A 259 13.52 -7.69 -5.86
N ILE A 260 12.61 -8.00 -6.80
CA ILE A 260 11.37 -8.68 -6.46
C ILE A 260 11.67 -10.03 -5.82
N ALA A 261 12.58 -10.79 -6.43
CA ALA A 261 12.88 -12.12 -5.93
C ALA A 261 13.46 -12.09 -4.52
N SER A 262 14.13 -11.01 -4.14
CA SER A 262 14.79 -10.98 -2.83
C SER A 262 13.79 -10.98 -1.69
N VAL A 263 12.55 -10.53 -1.93
CA VAL A 263 11.53 -10.52 -0.89
C VAL A 263 10.49 -11.62 -1.05
N LEU A 264 10.48 -12.35 -2.15
CA LEU A 264 9.56 -13.47 -2.34
C LEU A 264 10.23 -14.79 -2.01
N VAL A 265 10.84 -14.83 -0.83
CA VAL A 265 11.51 -16.01 -0.30
C VAL A 265 10.58 -16.63 0.74
N ALA A 266 10.38 -17.95 0.69
CA ALA A 266 9.38 -18.57 1.54
C ALA A 266 9.72 -18.41 3.02
N ASP A 267 10.98 -18.59 3.38
CA ASP A 267 11.43 -18.48 4.76
C ASP A 267 11.57 -17.02 5.17
N PRO A 268 10.71 -16.51 6.05
CA PRO A 268 10.79 -15.07 6.39
C PRO A 268 12.15 -14.65 6.90
N GLY A 269 12.89 -15.55 7.55
CA GLY A 269 14.23 -15.20 8.01
C GLY A 269 15.25 -15.00 6.90
N ASN A 270 14.94 -15.47 5.69
CA ASN A 270 15.81 -15.30 4.54
C ASN A 270 15.32 -14.23 3.59
N ARG A 271 14.28 -13.50 3.97
CA ARG A 271 13.66 -12.48 3.15
C ARG A 271 14.37 -11.15 3.36
N ALA A 272 14.55 -10.39 2.30
CA ALA A 272 15.15 -9.07 2.44
C ALA A 272 14.26 -8.19 3.31
N THR A 273 14.90 -7.37 4.14
CA THR A 273 14.20 -6.33 4.87
C THR A 273 13.94 -5.13 3.95
N ALA A 274 13.13 -4.18 4.43
CA ALA A 274 12.88 -2.98 3.65
C ALA A 274 14.17 -2.20 3.40
N TYR A 275 15.05 -2.14 4.39
CA TYR A 275 16.35 -1.50 4.18
C TYR A 275 17.19 -2.28 3.18
N ASP A 276 17.19 -3.62 3.27
CA ASP A 276 17.89 -4.43 2.28
C ASP A 276 17.40 -4.12 0.88
N LEU A 277 16.07 -4.09 0.71
CA LEU A 277 15.50 -3.90 -0.61
C LEU A 277 15.91 -2.56 -1.20
N LEU A 278 15.94 -1.51 -0.38
CA LEU A 278 16.34 -0.20 -0.85
C LEU A 278 17.81 -0.15 -1.25
N ALA A 279 18.63 -1.04 -0.70
CA ALA A 279 20.04 -1.13 -1.07
C ALA A 279 20.26 -1.93 -2.35
N HIS A 280 19.23 -2.61 -2.85
CA HIS A 280 19.41 -3.42 -4.04
C HIS A 280 19.73 -2.54 -5.25
N PRO A 281 20.56 -3.03 -6.19
CA PRO A 281 20.94 -2.21 -7.35
C PRO A 281 19.77 -1.58 -8.10
N TYR A 282 18.62 -2.24 -8.16
CA TYR A 282 17.47 -1.66 -8.83
C TYR A 282 17.12 -0.29 -8.26
N PHE A 283 17.30 -0.11 -6.95
CA PHE A 283 16.92 1.12 -6.27
C PHE A 283 18.11 2.01 -5.95
N SER A 284 19.32 1.47 -5.92
CA SER A 284 20.50 2.23 -5.51
C SER A 284 21.51 2.37 -6.65
#